data_8K5R
#
_entry.id   8K5R
#
_cell.length_a   171.502
_cell.length_b   171.502
_cell.length_c   96.122
_cell.angle_alpha   90.000
_cell.angle_beta   90.000
_cell.angle_gamma   120.000
#
_symmetry.space_group_name_H-M   'H 3'
#
loop_
_entity.id
_entity.type
_entity.pdbx_description
1 polymer 'Cyclin-dependent kinase 9'
2 polymer Cyclin-T1
3 non-polymer (1S,3S)-N3-(5-pentan-3-ylpyrazolo[1,5-a]pyrimidin-7-yl)cyclopentane-1,3-diamine
#
loop_
_entity_poly.entity_id
_entity_poly.type
_entity_poly.pdbx_seq_one_letter_code
_entity_poly.pdbx_strand_id
1 'polypeptide(L)'
;MAKQYDDNECPFCDEVSKYEKLAKIGQGTFGEVFKARHRKTGQRVALKKVLMENEKEGFPITALREIKILQLLKHENVVN
LIEICRTKASPYNRCKGSIYLVFDFCEHDLAGLLSNVLVKFTLSEIKRVMQMLLNGLFYIHRNKILHRDMKAANVLITRD
GVLKLADFGLARAFSLAKNSQPNRY(TPO)NRVVTLWYRPPELLLGERDYGPPIDLWGAGCIMAEMWTRSPIMQGNTEQH
QLALISQLCGSITPEVWPNVDNYELYEKLELVKGQKRKVKDRLAAYVRDPYALDLIDKLLVLDPAQRIDSEDALEHDFFW
SDPMPSDLKGMLST
;
A
2 'polypeptide(L)'
;MEGERKNNNKRWYFTREQLENSPSRAFGVDPDKELSYRQQAANLLQDMGQRLNVSQLTINTAIVYMHRFYMIQSFTRFPG
NSVAPAALFLAAKVEGQPKKLEHVIRVAHTCLHPQESLPDTRSEAYLQQVQDLVILESIILQTLGFELTIDHPHTHVVKC
TQLVRASKDLAQTSYFMATNSLHLTTFSLQYTPPVVACVCIHLACKWSNWEIPVSTDGKHWWEYVDATVTLELLDELTHE
LLQILEKTPNRLKRIWNWR
;
B
#
loop_
_chem_comp.id
_chem_comp.type
_chem_comp.name
_chem_comp.formula
VQE non-polymer (1S,3S)-N3-(5-pentan-3-ylpyrazolo[1,5-a]pyrimidin-7-yl)cyclopentane-1,3-diamine 'C16 H25 N5'
#
# COMPACT_ATOMS: atom_id res chain seq x y z
N TYR A 5 4.87 17.00 -22.58
CA TYR A 5 4.62 16.51 -23.97
C TYR A 5 4.88 15.01 -24.03
N ASP A 6 6.18 14.63 -24.07
CA ASP A 6 6.58 13.23 -24.03
C ASP A 6 7.53 13.06 -22.84
N ASP A 7 8.20 11.90 -22.78
CA ASP A 7 9.20 11.64 -21.77
C ASP A 7 10.37 10.90 -22.41
N ASN A 8 10.06 9.88 -23.21
CA ASN A 8 11.04 9.12 -23.98
C ASN A 8 12.21 8.72 -23.08
N GLU A 9 11.90 8.38 -21.82
CA GLU A 9 12.90 8.19 -20.78
C GLU A 9 12.23 7.56 -19.56
N CYS A 10 12.46 6.25 -19.34
CA CYS A 10 11.81 5.52 -18.26
C CYS A 10 12.51 4.19 -17.99
N PRO A 11 13.24 4.06 -16.86
CA PRO A 11 13.98 2.83 -16.55
C PRO A 11 13.15 1.68 -15.98
N PHE A 12 12.16 2.00 -15.12
CA PHE A 12 11.48 0.99 -14.31
C PHE A 12 10.02 0.80 -14.75
N CYS A 13 9.49 1.70 -15.57
CA CYS A 13 8.29 1.43 -16.34
C CYS A 13 8.66 0.68 -17.61
N ASP A 14 7.85 -0.34 -17.95
CA ASP A 14 7.98 -1.05 -19.22
C ASP A 14 6.91 -0.57 -20.19
N GLU A 15 7.09 -0.91 -21.47
CA GLU A 15 6.00 -0.84 -22.44
C GLU A 15 5.28 -2.18 -22.48
N VAL A 16 3.94 -2.12 -22.43
CA VAL A 16 3.11 -3.29 -22.21
C VAL A 16 3.21 -4.24 -23.41
N SER A 17 3.51 -3.70 -24.59
CA SER A 17 3.44 -4.44 -25.83
C SER A 17 4.49 -5.56 -25.89
N LYS A 18 5.40 -5.61 -24.90
CA LYS A 18 6.28 -6.76 -24.72
C LYS A 18 5.46 -8.03 -24.46
N TYR A 19 4.31 -7.85 -23.78
CA TYR A 19 3.31 -8.90 -23.57
C TYR A 19 2.28 -8.83 -24.68
N GLU A 20 1.79 -10.00 -25.13
CA GLU A 20 0.94 -10.09 -26.30
C GLU A 20 -0.47 -10.50 -25.89
N LYS A 21 -1.44 -9.58 -26.03
CA LYS A 21 -2.82 -9.81 -25.59
C LYS A 21 -3.40 -10.99 -26.37
N LEU A 22 -4.21 -11.80 -25.67
CA LEU A 22 -4.87 -12.96 -26.25
C LEU A 22 -6.38 -12.79 -26.14
N ALA A 23 -6.89 -12.71 -24.90
CA ALA A 23 -8.33 -12.65 -24.66
C ALA A 23 -8.60 -12.06 -23.28
N LYS A 24 -9.86 -11.70 -23.03
CA LYS A 24 -10.24 -10.98 -21.83
C LYS A 24 -10.79 -11.95 -20.79
N ILE A 25 -10.51 -11.67 -19.51
CA ILE A 25 -11.02 -12.47 -18.41
C ILE A 25 -12.40 -11.92 -18.03
N GLU A 32 -11.67 -4.58 -18.05
CA GLU A 32 -10.49 -4.55 -18.94
C GLU A 32 -9.38 -5.41 -18.33
N VAL A 33 -9.55 -6.74 -18.44
CA VAL A 33 -8.60 -7.69 -17.91
C VAL A 33 -8.30 -8.71 -19.01
N PHE A 34 -7.08 -8.64 -19.57
CA PHE A 34 -6.68 -9.51 -20.67
C PHE A 34 -5.85 -10.69 -20.14
N LYS A 35 -5.84 -11.78 -20.91
CA LYS A 35 -4.77 -12.76 -20.84
C LYS A 35 -3.63 -12.23 -21.70
N ALA A 36 -2.41 -12.76 -21.50
CA ALA A 36 -1.28 -12.34 -22.31
C ALA A 36 -0.13 -13.35 -22.26
N ARG A 37 0.85 -13.15 -23.15
CA ARG A 37 2.06 -13.94 -23.19
C ARG A 37 3.25 -13.03 -23.53
N HIS A 38 4.39 -13.29 -22.88
CA HIS A 38 5.61 -12.52 -23.12
C HIS A 38 6.27 -13.03 -24.40
N ARG A 39 6.58 -12.09 -25.31
CA ARG A 39 6.95 -12.44 -26.67
C ARG A 39 8.38 -12.96 -26.77
N LYS A 40 9.07 -13.13 -25.64
CA LYS A 40 10.41 -13.69 -25.63
C LYS A 40 10.44 -14.96 -24.79
N THR A 41 10.00 -14.86 -23.53
CA THR A 41 10.09 -15.97 -22.58
C THR A 41 8.92 -16.93 -22.78
N GLY A 42 7.84 -16.41 -23.36
CA GLY A 42 6.62 -17.19 -23.59
C GLY A 42 5.95 -17.57 -22.28
N GLN A 43 5.92 -16.65 -21.32
CA GLN A 43 5.19 -16.87 -20.08
C GLN A 43 3.82 -16.21 -20.19
N ARG A 44 2.79 -16.88 -19.66
CA ARG A 44 1.43 -16.39 -19.67
C ARG A 44 1.22 -15.45 -18.48
N VAL A 45 0.66 -14.26 -18.76
CA VAL A 45 0.33 -13.28 -17.73
C VAL A 45 -1.12 -12.82 -17.92
N ALA A 46 -1.62 -12.08 -16.93
CA ALA A 46 -2.87 -11.34 -17.05
C ALA A 46 -2.58 -9.84 -16.86
N LEU A 47 -3.20 -9.00 -17.70
CA LEU A 47 -2.97 -7.56 -17.71
C LEU A 47 -4.26 -6.83 -17.35
N LYS A 48 -4.17 -5.80 -16.50
CA LYS A 48 -5.33 -5.10 -16.00
C LYS A 48 -5.20 -3.60 -16.28
N LYS A 49 -6.10 -3.08 -17.13
CA LYS A 49 -6.13 -1.67 -17.49
C LYS A 49 -6.62 -0.86 -16.28
N VAL A 50 -6.39 0.45 -16.31
CA VAL A 50 -6.84 1.35 -15.26
C VAL A 50 -7.22 2.69 -15.89
N LEU A 51 -7.80 3.61 -15.09
CA LEU A 51 -7.93 5.02 -15.43
C LEU A 51 -9.12 5.20 -16.37
N MET A 52 -9.63 6.45 -16.46
CA MET A 52 -10.84 6.75 -17.21
C MET A 52 -11.00 8.27 -17.35
N GLU A 53 -12.03 8.69 -18.09
CA GLU A 53 -12.48 10.08 -18.14
C GLU A 53 -13.22 10.47 -16.86
N ASN A 54 -13.88 9.49 -16.23
CA ASN A 54 -14.47 9.60 -14.91
C ASN A 54 -13.45 10.12 -13.90
N GLU A 55 -12.19 9.67 -14.02
CA GLU A 55 -11.14 10.04 -13.09
C GLU A 55 -10.64 11.45 -13.43
N LYS A 56 -11.22 12.44 -12.73
CA LYS A 56 -11.00 13.84 -13.03
C LYS A 56 -10.30 14.53 -11.87
N GLU A 57 -9.40 13.81 -11.19
CA GLU A 57 -8.64 14.35 -10.07
C GLU A 57 -7.34 13.57 -9.95
N GLY A 58 -6.44 13.82 -10.90
CA GLY A 58 -5.16 13.14 -10.98
C GLY A 58 -5.32 11.65 -11.25
N PHE A 59 -4.17 10.96 -11.33
CA PHE A 59 -4.15 9.51 -11.44
C PHE A 59 -4.99 8.92 -10.31
N PRO A 60 -5.82 7.89 -10.59
CA PRO A 60 -6.69 7.31 -9.56
C PRO A 60 -5.94 6.96 -8.28
N ILE A 61 -6.49 7.40 -7.13
CA ILE A 61 -5.93 7.08 -5.83
C ILE A 61 -6.26 5.64 -5.49
N THR A 62 -7.51 5.23 -5.79
CA THR A 62 -7.93 3.86 -5.52
C THR A 62 -6.92 2.91 -6.16
N ALA A 63 -6.45 3.26 -7.36
CA ALA A 63 -5.37 2.54 -8.01
C ALA A 63 -4.15 2.50 -7.08
N LEU A 64 -3.64 3.68 -6.72
CA LEU A 64 -2.43 3.79 -5.92
C LEU A 64 -2.54 2.97 -4.64
N ARG A 65 -3.77 2.83 -4.12
CA ARG A 65 -4.03 2.00 -2.95
C ARG A 65 -3.75 0.53 -3.30
N GLU A 66 -4.37 0.05 -4.38
CA GLU A 66 -4.23 -1.33 -4.82
C GLU A 66 -2.78 -1.60 -5.19
N ILE A 67 -2.23 -0.75 -6.07
CA ILE A 67 -0.86 -0.88 -6.52
C ILE A 67 0.05 -1.05 -5.30
N LYS A 68 -0.07 -0.15 -4.32
CA LYS A 68 0.80 -0.13 -3.16
C LYS A 68 0.62 -1.41 -2.34
N ILE A 69 -0.63 -1.92 -2.27
CA ILE A 69 -0.93 -3.13 -1.49
C ILE A 69 -0.30 -4.34 -2.17
N LEU A 70 -0.51 -4.49 -3.48
CA LEU A 70 0.00 -5.61 -4.23
C LEU A 70 1.52 -5.70 -4.08
N GLN A 71 2.19 -4.54 -4.11
CA GLN A 71 3.64 -4.49 -3.95
C GLN A 71 4.02 -5.00 -2.55
N LEU A 72 3.24 -4.63 -1.55
CA LEU A 72 3.55 -5.00 -0.17
C LEU A 72 3.33 -6.50 0.03
N LEU A 73 2.24 -7.04 -0.52
CA LEU A 73 1.88 -8.42 -0.27
C LEU A 73 2.62 -9.35 -1.22
N LYS A 74 3.54 -10.15 -0.64
CA LYS A 74 4.24 -11.21 -1.34
C LYS A 74 4.18 -12.46 -0.47
N HIS A 75 3.53 -13.52 -0.97
CA HIS A 75 3.29 -14.71 -0.19
C HIS A 75 2.73 -15.80 -1.10
N GLU A 76 2.93 -17.07 -0.71
CA GLU A 76 2.54 -18.24 -1.51
C GLU A 76 1.16 -18.08 -2.14
N ASN A 77 0.20 -17.57 -1.37
CA ASN A 77 -1.21 -17.69 -1.72
C ASN A 77 -1.84 -16.31 -1.93
N VAL A 78 -1.04 -15.35 -2.40
CA VAL A 78 -1.52 -14.01 -2.71
C VAL A 78 -0.95 -13.61 -4.06
N VAL A 79 -1.84 -13.43 -5.05
CA VAL A 79 -1.47 -13.25 -6.43
C VAL A 79 -0.35 -12.21 -6.53
N ASN A 80 0.57 -12.42 -7.47
CA ASN A 80 1.74 -11.56 -7.60
C ASN A 80 1.48 -10.48 -8.65
N LEU A 81 1.83 -9.23 -8.31
CA LEU A 81 2.03 -8.22 -9.33
C LEU A 81 3.48 -8.31 -9.81
N ILE A 82 3.65 -8.62 -11.10
CA ILE A 82 4.97 -8.74 -11.70
C ILE A 82 5.57 -7.34 -11.80
N GLU A 83 4.84 -6.45 -12.49
CA GLU A 83 5.25 -5.08 -12.72
C GLU A 83 4.03 -4.29 -13.19
N ILE A 84 4.22 -2.98 -13.36
CA ILE A 84 3.16 -2.14 -13.91
C ILE A 84 3.71 -1.47 -15.17
N CYS A 85 3.28 -2.01 -16.31
CA CYS A 85 3.71 -1.51 -17.61
C CYS A 85 2.76 -0.41 -18.07
N ARG A 86 3.21 0.39 -19.04
CA ARG A 86 2.45 1.53 -19.50
C ARG A 86 2.34 1.53 -21.02
N THR A 87 1.44 2.38 -21.52
CA THR A 87 1.18 2.52 -22.94
C THR A 87 2.17 3.51 -23.55
N LYS A 88 2.02 3.76 -24.86
CA LYS A 88 2.73 4.84 -25.54
C LYS A 88 1.82 6.06 -25.63
N ALA A 89 2.31 7.15 -26.23
CA ALA A 89 1.52 8.36 -26.42
C ALA A 89 0.28 8.05 -27.27
N SER A 90 -0.85 8.68 -26.91
CA SER A 90 -2.15 8.33 -27.46
C SER A 90 -2.17 8.45 -28.99
N PRO A 91 -2.52 7.37 -29.75
CA PRO A 91 -2.59 7.44 -31.22
C PRO A 91 -3.65 8.44 -31.71
N LYS A 96 -2.46 0.16 -26.30
CA LYS A 96 -3.86 0.65 -26.27
C LYS A 96 -3.87 2.03 -25.59
N GLY A 97 -3.78 2.05 -24.25
CA GLY A 97 -3.86 3.30 -23.50
C GLY A 97 -3.76 3.09 -21.99
N SER A 98 -3.44 4.18 -21.26
CA SER A 98 -3.47 4.24 -19.80
C SER A 98 -2.32 3.46 -19.19
N ILE A 99 -2.62 2.61 -18.18
CA ILE A 99 -1.63 1.87 -17.42
C ILE A 99 -2.17 0.47 -17.14
N TYR A 100 -1.25 -0.51 -17.10
CA TYR A 100 -1.63 -1.91 -16.94
C TYR A 100 -0.91 -2.53 -15.75
N LEU A 101 -1.66 -3.35 -14.99
CA LEU A 101 -1.11 -4.12 -13.88
C LEU A 101 -0.92 -5.57 -14.32
N VAL A 102 0.33 -6.04 -14.24
CA VAL A 102 0.72 -7.36 -14.73
C VAL A 102 0.64 -8.35 -13.57
N PHE A 103 -0.11 -9.44 -13.78
CA PHE A 103 -0.21 -10.53 -12.81
C PHE A 103 0.20 -11.85 -13.46
N ASP A 104 0.95 -12.67 -12.71
CA ASP A 104 1.12 -14.06 -13.05
C ASP A 104 -0.25 -14.68 -13.31
N PHE A 105 -0.44 -15.27 -14.49
CA PHE A 105 -1.73 -15.84 -14.86
C PHE A 105 -2.05 -16.97 -13.90
N CYS A 106 -3.33 -17.07 -13.51
CA CYS A 106 -3.83 -18.14 -12.68
C CYS A 106 -4.86 -18.94 -13.45
N GLU A 107 -4.52 -20.20 -13.78
CA GLU A 107 -5.31 -21.06 -14.63
C GLU A 107 -6.81 -20.85 -14.35
N HIS A 108 -7.29 -21.37 -13.21
CA HIS A 108 -8.72 -21.37 -12.90
C HIS A 108 -8.98 -20.57 -11.63
N ASP A 109 -10.18 -19.99 -11.56
CA ASP A 109 -10.75 -19.48 -10.32
C ASP A 109 -11.55 -20.60 -9.68
N LEU A 110 -12.02 -20.38 -8.44
CA LEU A 110 -12.73 -21.40 -7.68
C LEU A 110 -14.17 -21.51 -8.16
N ALA A 111 -14.81 -20.37 -8.40
CA ALA A 111 -16.21 -20.32 -8.83
C ALA A 111 -16.43 -21.16 -10.07
N GLY A 112 -15.46 -21.14 -11.00
CA GLY A 112 -15.57 -21.86 -12.26
C GLY A 112 -15.46 -23.38 -12.09
N LEU A 113 -14.70 -23.82 -11.09
CA LEU A 113 -14.49 -25.23 -10.82
C LEU A 113 -15.71 -25.81 -10.11
N LEU A 114 -16.40 -24.97 -9.33
CA LEU A 114 -17.61 -25.39 -8.63
C LEU A 114 -18.78 -25.47 -9.61
N SER A 115 -19.03 -24.35 -10.31
CA SER A 115 -20.06 -24.30 -11.33
C SER A 115 -19.82 -25.39 -12.37
N ASN A 116 -18.54 -25.67 -12.67
CA ASN A 116 -18.15 -26.74 -13.57
C ASN A 116 -18.42 -28.08 -12.88
N VAL A 117 -19.31 -28.89 -13.48
CA VAL A 117 -19.77 -30.13 -12.87
C VAL A 117 -18.68 -31.20 -12.96
N LEU A 118 -17.86 -31.14 -14.03
CA LEU A 118 -16.86 -32.16 -14.29
C LEU A 118 -15.87 -32.21 -13.13
N VAL A 119 -15.17 -31.09 -12.90
CA VAL A 119 -14.05 -31.06 -11.97
C VAL A 119 -14.60 -31.23 -10.56
N LYS A 120 -14.42 -32.44 -10.02
CA LYS A 120 -14.89 -32.78 -8.68
C LYS A 120 -13.66 -33.12 -7.82
N PHE A 121 -13.70 -32.67 -6.56
CA PHE A 121 -12.54 -32.76 -5.67
C PHE A 121 -12.75 -33.84 -4.61
N THR A 122 -11.63 -34.36 -4.09
CA THR A 122 -11.60 -35.22 -2.93
C THR A 122 -11.64 -34.34 -1.67
N LEU A 123 -12.14 -34.89 -0.55
CA LEU A 123 -12.03 -34.25 0.73
C LEU A 123 -10.56 -33.95 1.01
N SER A 124 -9.71 -34.89 0.60
CA SER A 124 -8.26 -34.75 0.70
C SER A 124 -7.78 -33.50 -0.05
N GLU A 125 -8.30 -33.30 -1.28
CA GLU A 125 -7.95 -32.13 -2.07
C GLU A 125 -8.69 -30.89 -1.54
N ILE A 126 -9.90 -31.08 -1.01
CA ILE A 126 -10.73 -29.98 -0.52
C ILE A 126 -10.11 -29.36 0.73
N LYS A 127 -9.45 -30.18 1.57
CA LYS A 127 -8.85 -29.70 2.81
C LYS A 127 -7.73 -28.70 2.52
N ARG A 128 -6.79 -29.11 1.66
CA ARG A 128 -5.63 -28.31 1.32
C ARG A 128 -6.07 -26.93 0.84
N VAL A 129 -7.00 -26.89 -0.11
CA VAL A 129 -7.51 -25.65 -0.67
C VAL A 129 -7.65 -24.62 0.44
N MET A 130 -8.33 -25.02 1.52
CA MET A 130 -8.65 -24.12 2.62
C MET A 130 -7.37 -23.66 3.31
N GLN A 131 -6.45 -24.60 3.54
CA GLN A 131 -5.21 -24.31 4.27
C GLN A 131 -4.43 -23.22 3.55
N MET A 132 -4.48 -23.22 2.20
CA MET A 132 -3.80 -22.23 1.39
C MET A 132 -4.49 -20.88 1.56
N LEU A 133 -5.83 -20.92 1.53
CA LEU A 133 -6.66 -19.72 1.61
C LEU A 133 -6.44 -19.03 2.95
N LEU A 134 -6.67 -19.77 4.04
CA LEU A 134 -6.69 -19.21 5.38
C LEU A 134 -5.31 -18.69 5.76
N ASN A 135 -4.25 -19.35 5.25
CA ASN A 135 -2.89 -18.89 5.42
C ASN A 135 -2.73 -17.61 4.60
N GLY A 136 -3.32 -17.60 3.39
CA GLY A 136 -3.36 -16.41 2.56
C GLY A 136 -3.94 -15.21 3.32
N LEU A 137 -5.14 -15.39 3.86
CA LEU A 137 -5.78 -14.39 4.69
C LEU A 137 -4.85 -14.02 5.85
N PHE A 138 -4.31 -15.03 6.53
CA PHE A 138 -3.44 -14.80 7.67
C PHE A 138 -2.38 -13.77 7.29
N TYR A 139 -1.73 -13.98 6.14
CA TYR A 139 -0.64 -13.14 5.71
C TYR A 139 -1.11 -11.70 5.50
N ILE A 140 -2.21 -11.52 4.75
CA ILE A 140 -2.62 -10.18 4.35
C ILE A 140 -3.07 -9.40 5.59
N HIS A 141 -3.78 -10.05 6.50
CA HIS A 141 -4.22 -9.42 7.74
C HIS A 141 -3.01 -9.05 8.59
N ARG A 142 -2.00 -9.94 8.56
CA ARG A 142 -0.77 -9.78 9.30
C ARG A 142 -0.12 -8.43 8.92
N ASN A 143 -0.25 -8.04 7.65
CA ASN A 143 0.31 -6.79 7.14
C ASN A 143 -0.68 -5.64 7.30
N LYS A 144 -1.82 -5.88 7.97
CA LYS A 144 -2.81 -4.87 8.32
C LYS A 144 -3.57 -4.36 7.09
N ILE A 145 -3.93 -5.29 6.19
CA ILE A 145 -4.67 -4.96 4.96
C ILE A 145 -5.90 -5.88 4.91
N LEU A 146 -7.11 -5.30 4.95
CA LEU A 146 -8.31 -6.10 4.81
C LEU A 146 -8.56 -6.35 3.33
N HIS A 147 -9.25 -7.45 3.01
CA HIS A 147 -9.56 -7.78 1.63
C HIS A 147 -10.86 -7.08 1.21
N ARG A 148 -11.92 -7.33 1.99
CA ARG A 148 -13.19 -6.64 1.87
C ARG A 148 -13.96 -7.09 0.63
N ASP A 149 -13.57 -8.22 0.02
CA ASP A 149 -14.28 -8.71 -1.15
C ASP A 149 -14.00 -10.19 -1.33
N MET A 150 -14.52 -10.99 -0.38
CA MET A 150 -14.34 -12.43 -0.39
C MET A 150 -15.48 -13.08 -1.17
N LYS A 151 -15.16 -13.64 -2.34
CA LYS A 151 -16.11 -14.41 -3.13
C LYS A 151 -15.36 -15.49 -3.87
N ALA A 152 -16.10 -16.50 -4.36
CA ALA A 152 -15.51 -17.67 -4.99
C ALA A 152 -14.64 -17.27 -6.19
N ALA A 153 -15.08 -16.25 -6.94
CA ALA A 153 -14.40 -15.82 -8.15
C ALA A 153 -13.05 -15.14 -7.83
N ASN A 154 -12.87 -14.72 -6.57
CA ASN A 154 -11.67 -14.03 -6.13
C ASN A 154 -10.66 -14.99 -5.53
N VAL A 155 -10.95 -16.30 -5.58
CA VAL A 155 -10.00 -17.33 -5.23
C VAL A 155 -9.47 -17.97 -6.52
N LEU A 156 -8.23 -17.62 -6.88
CA LEU A 156 -7.59 -18.14 -8.08
C LEU A 156 -6.75 -19.37 -7.72
N ILE A 157 -6.50 -20.23 -8.71
CA ILE A 157 -5.67 -21.41 -8.51
C ILE A 157 -4.86 -21.68 -9.78
N THR A 158 -3.60 -22.11 -9.60
CA THR A 158 -2.65 -22.23 -10.69
C THR A 158 -2.72 -23.65 -11.29
N ARG A 159 -1.84 -23.90 -12.27
CA ARG A 159 -1.73 -25.19 -12.93
C ARG A 159 -1.13 -26.21 -11.96
N ASP A 160 -0.06 -25.80 -11.26
CA ASP A 160 0.52 -26.58 -10.18
C ASP A 160 -0.53 -26.90 -9.12
N GLY A 161 -1.41 -25.92 -8.85
CA GLY A 161 -2.42 -26.02 -7.82
C GLY A 161 -2.16 -25.07 -6.66
N VAL A 162 -1.62 -23.89 -6.99
CA VAL A 162 -1.30 -22.85 -6.02
C VAL A 162 -2.49 -21.90 -5.94
N LEU A 163 -3.10 -21.81 -4.75
CA LEU A 163 -4.21 -20.92 -4.52
C LEU A 163 -3.71 -19.49 -4.41
N LYS A 164 -4.43 -18.55 -5.05
CA LYS A 164 -4.13 -17.12 -4.96
C LYS A 164 -5.44 -16.36 -4.72
N LEU A 165 -5.30 -15.10 -4.29
CA LEU A 165 -6.45 -14.23 -4.05
C LEU A 165 -6.37 -13.03 -5.01
N ALA A 166 -7.54 -12.51 -5.42
CA ALA A 166 -7.60 -11.46 -6.43
C ALA A 166 -8.42 -10.27 -5.93
N ASP A 167 -8.58 -9.25 -6.80
CA ASP A 167 -9.48 -8.12 -6.58
C ASP A 167 -9.15 -7.42 -5.27
N PHE A 168 -7.87 -7.05 -5.12
CA PHE A 168 -7.45 -6.21 -4.03
C PHE A 168 -7.71 -4.74 -4.35
N GLY A 169 -8.64 -4.49 -5.29
CA GLY A 169 -9.15 -3.14 -5.52
C GLY A 169 -9.85 -2.61 -4.27
N LEU A 170 -10.66 -3.47 -3.63
CA LEU A 170 -11.42 -3.08 -2.46
C LEU A 170 -10.54 -3.12 -1.21
N ALA A 171 -9.40 -3.81 -1.29
CA ALA A 171 -8.54 -4.01 -0.13
C ALA A 171 -8.08 -2.66 0.42
N ARG A 172 -8.13 -2.55 1.76
CA ARG A 172 -7.81 -1.31 2.46
C ARG A 172 -6.84 -1.64 3.59
N ALA A 173 -5.90 -0.70 3.82
CA ALA A 173 -4.99 -0.76 4.94
C ALA A 173 -5.74 -0.38 6.24
N PHE A 174 -5.50 -1.14 7.31
CA PHE A 174 -6.27 -0.99 8.53
C PHE A 174 -5.33 -0.85 9.73
N SER A 175 -5.85 -0.25 10.82
CA SER A 175 -5.14 -0.10 12.08
C SER A 175 -6.07 0.54 13.11
N LEU A 176 -6.60 -0.33 14.05
CA LEU A 176 -7.60 0.14 15.00
C LEU A 176 -6.95 1.13 15.97
N SER A 180 -5.60 5.90 19.22
CA SER A 180 -6.28 5.07 18.18
C SER A 180 -7.75 5.50 18.04
N GLN A 181 -8.48 5.54 19.18
CA GLN A 181 -9.85 6.04 19.25
C GLN A 181 -10.79 5.14 18.43
N PRO A 182 -12.09 5.49 18.28
CA PRO A 182 -12.95 4.86 17.25
C PRO A 182 -12.71 5.38 15.84
N ASN A 183 -12.45 4.45 14.91
CA ASN A 183 -12.10 4.76 13.52
C ASN A 183 -13.32 4.57 12.62
N ARG A 184 -13.21 5.03 11.37
CA ARG A 184 -14.33 5.10 10.44
C ARG A 184 -13.99 4.39 9.12
N TYR A 185 -14.23 3.08 9.05
CA TYR A 185 -13.92 2.28 7.87
C TYR A 185 -15.08 2.34 6.88
N TPO A 186 -14.82 1.86 5.65
CA TPO A 186 -15.79 1.90 4.56
CB TPO A 186 -15.15 1.48 3.23
CG2 TPO A 186 -15.94 1.94 2.03
OG1 TPO A 186 -13.78 2.04 3.16
P TPO A 186 -13.38 3.55 2.72
O1P TPO A 186 -13.43 3.58 1.21
O2P TPO A 186 -14.42 4.47 3.37
O3P TPO A 186 -11.98 3.77 3.26
C TPO A 186 -16.98 1.00 4.92
O TPO A 186 -16.79 -0.08 5.48
N ASN A 187 -18.20 1.44 4.56
CA ASN A 187 -19.41 0.86 5.09
C ASN A 187 -19.82 -0.35 4.23
N ARG A 188 -20.35 -0.10 3.03
CA ARG A 188 -20.87 -1.15 2.16
C ARG A 188 -19.72 -1.74 1.34
N VAL A 189 -19.14 -2.84 1.83
CA VAL A 189 -18.07 -3.55 1.14
C VAL A 189 -18.45 -5.02 1.03
N VAL A 190 -17.72 -5.76 0.17
CA VAL A 190 -17.96 -7.17 -0.07
C VAL A 190 -19.10 -7.31 -1.09
N THR A 191 -19.25 -8.52 -1.65
CA THR A 191 -20.46 -8.89 -2.38
C THR A 191 -21.60 -9.06 -1.38
N LEU A 192 -22.83 -8.79 -1.81
CA LEU A 192 -23.97 -8.77 -0.91
C LEU A 192 -24.27 -10.18 -0.42
N TRP A 193 -24.02 -11.18 -1.28
CA TRP A 193 -24.22 -12.58 -0.95
C TRP A 193 -23.23 -13.04 0.13
N TYR A 194 -21.97 -12.61 -0.02
CA TYR A 194 -20.89 -13.02 0.86
C TYR A 194 -20.70 -12.01 2.00
N ARG A 195 -21.50 -10.94 2.01
CA ARG A 195 -21.39 -9.91 3.04
C ARG A 195 -21.73 -10.54 4.39
N PRO A 196 -21.05 -10.14 5.49
CA PRO A 196 -21.37 -10.63 6.83
C PRO A 196 -22.32 -9.74 7.62
N PRO A 197 -22.84 -10.22 8.77
CA PRO A 197 -23.73 -9.42 9.63
C PRO A 197 -23.23 -8.03 10.00
N GLU A 198 -22.03 -7.92 10.60
CA GLU A 198 -21.54 -6.64 11.10
C GLU A 198 -21.79 -5.56 10.06
N LEU A 199 -21.51 -5.88 8.79
CA LEU A 199 -21.57 -4.92 7.70
C LEU A 199 -23.02 -4.59 7.36
N LEU A 200 -23.93 -5.55 7.58
CA LEU A 200 -25.34 -5.38 7.28
C LEU A 200 -26.05 -4.57 8.36
N LEU A 201 -25.36 -4.22 9.46
CA LEU A 201 -25.87 -3.25 10.43
C LEU A 201 -25.11 -1.92 10.30
N GLY A 202 -24.10 -1.88 9.41
CA GLY A 202 -23.38 -0.65 9.11
C GLY A 202 -22.22 -0.40 10.06
N GLU A 203 -21.54 -1.48 10.47
CA GLU A 203 -20.37 -1.38 11.33
C GLU A 203 -19.24 -0.70 10.55
N ARG A 204 -18.65 0.35 11.14
CA ARG A 204 -17.58 1.10 10.49
C ARG A 204 -16.32 1.13 11.38
N ASP A 205 -16.19 0.15 12.27
CA ASP A 205 -14.94 -0.11 12.97
C ASP A 205 -14.80 -1.62 13.16
N TYR A 206 -14.58 -2.30 12.03
CA TYR A 206 -14.51 -3.75 11.96
C TYR A 206 -13.06 -4.15 11.71
N GLY A 207 -12.82 -5.46 11.60
CA GLY A 207 -11.49 -5.99 11.36
C GLY A 207 -11.53 -7.24 10.50
N PRO A 208 -10.38 -7.96 10.39
CA PRO A 208 -10.26 -9.15 9.55
C PRO A 208 -11.45 -10.11 9.49
N PRO A 209 -12.00 -10.61 10.63
CA PRO A 209 -13.00 -11.68 10.57
C PRO A 209 -14.28 -11.45 9.75
N ILE A 210 -14.34 -10.33 9.00
CA ILE A 210 -15.31 -10.20 7.94
C ILE A 210 -14.91 -11.14 6.80
N ASP A 211 -13.61 -11.21 6.51
CA ASP A 211 -13.08 -12.11 5.48
C ASP A 211 -13.30 -13.54 5.94
N LEU A 212 -12.93 -13.81 7.20
CA LEU A 212 -12.94 -15.15 7.75
C LEU A 212 -14.37 -15.69 7.74
N TRP A 213 -15.36 -14.78 7.85
CA TRP A 213 -16.73 -15.11 7.55
C TRP A 213 -16.82 -15.60 6.11
N GLY A 214 -16.48 -14.71 5.16
CA GLY A 214 -16.55 -15.00 3.74
C GLY A 214 -15.97 -16.39 3.41
N ALA A 215 -14.74 -16.62 3.89
CA ALA A 215 -14.07 -17.90 3.69
C ALA A 215 -15.00 -19.05 4.03
N GLY A 216 -15.73 -18.91 5.14
CA GLY A 216 -16.72 -19.91 5.54
C GLY A 216 -17.78 -20.15 4.47
N CYS A 217 -18.29 -19.05 3.90
CA CYS A 217 -19.27 -19.13 2.83
C CYS A 217 -18.67 -19.83 1.62
N ILE A 218 -17.38 -19.54 1.36
CA ILE A 218 -16.65 -20.09 0.23
C ILE A 218 -16.29 -21.55 0.51
N MET A 219 -16.05 -21.88 1.80
CA MET A 219 -15.69 -23.22 2.20
C MET A 219 -16.88 -24.16 1.97
N ALA A 220 -18.05 -23.76 2.47
CA ALA A 220 -19.26 -24.54 2.31
C ALA A 220 -19.60 -24.68 0.84
N GLU A 221 -19.20 -23.67 0.04
CA GLU A 221 -19.52 -23.61 -1.38
C GLU A 221 -18.72 -24.65 -2.16
N MET A 222 -17.71 -25.26 -1.50
CA MET A 222 -16.96 -26.37 -2.08
C MET A 222 -17.88 -27.58 -2.24
N TRP A 223 -18.81 -27.77 -1.30
CA TRP A 223 -19.71 -28.90 -1.29
C TRP A 223 -21.04 -28.52 -1.93
N THR A 224 -21.63 -27.40 -1.50
CA THR A 224 -22.92 -26.97 -2.02
C THR A 224 -22.79 -26.71 -3.53
N ARG A 225 -21.61 -26.26 -3.95
CA ARG A 225 -21.34 -25.94 -5.35
C ARG A 225 -22.19 -24.75 -5.76
N SER A 226 -22.66 -23.99 -4.76
CA SER A 226 -23.72 -23.01 -4.97
C SER A 226 -23.59 -21.90 -3.93
N PRO A 227 -23.60 -20.62 -4.36
CA PRO A 227 -23.77 -19.50 -3.44
C PRO A 227 -24.89 -19.83 -2.45
N ILE A 228 -24.49 -19.96 -1.17
CA ILE A 228 -25.33 -20.57 -0.15
C ILE A 228 -26.37 -19.57 0.38
N MET A 229 -26.20 -18.28 0.05
CA MET A 229 -27.11 -17.24 0.50
C MET A 229 -27.19 -16.15 -0.56
N GLN A 230 -28.42 -15.87 -1.03
CA GLN A 230 -28.63 -15.00 -2.18
C GLN A 230 -29.69 -13.95 -1.84
N GLY A 231 -29.42 -13.15 -0.80
CA GLY A 231 -30.32 -12.08 -0.38
C GLY A 231 -30.30 -10.90 -1.36
N ASN A 232 -31.43 -10.67 -2.04
CA ASN A 232 -31.57 -9.61 -3.03
C ASN A 232 -31.60 -8.26 -2.34
N THR A 233 -32.53 -8.10 -1.41
CA THR A 233 -32.56 -6.94 -0.53
C THR A 233 -31.52 -7.16 0.57
N GLU A 234 -31.13 -6.07 1.24
CA GLU A 234 -30.14 -6.14 2.31
C GLU A 234 -30.78 -6.78 3.55
N GLN A 235 -32.09 -6.60 3.74
CA GLN A 235 -32.82 -7.28 4.80
C GLN A 235 -33.20 -8.69 4.36
N HIS A 236 -33.20 -8.95 3.04
CA HIS A 236 -33.34 -10.29 2.51
C HIS A 236 -32.10 -11.09 2.87
N GLN A 237 -30.94 -10.44 2.78
CA GLN A 237 -29.68 -11.05 3.20
C GLN A 237 -29.76 -11.32 4.71
N LEU A 238 -30.05 -10.26 5.48
CA LEU A 238 -30.17 -10.34 6.94
C LEU A 238 -31.14 -11.46 7.34
N ALA A 239 -32.16 -11.69 6.51
CA ALA A 239 -33.17 -12.69 6.80
C ALA A 239 -32.61 -14.10 6.63
N LEU A 240 -31.87 -14.32 5.54
CA LEU A 240 -31.33 -15.63 5.22
C LEU A 240 -30.31 -16.05 6.27
N ILE A 241 -29.55 -15.08 6.80
CA ILE A 241 -28.56 -15.35 7.82
C ILE A 241 -29.25 -15.59 9.16
N SER A 242 -30.35 -14.88 9.42
CA SER A 242 -31.08 -14.99 10.68
C SER A 242 -31.80 -16.32 10.79
N GLN A 243 -31.94 -17.04 9.67
CA GLN A 243 -32.36 -18.42 9.69
C GLN A 243 -31.26 -19.29 10.32
N LEU A 244 -29.99 -18.91 10.10
CA LEU A 244 -28.85 -19.71 10.52
C LEU A 244 -28.53 -19.46 12.00
N CYS A 245 -28.22 -18.21 12.35
CA CYS A 245 -27.69 -17.87 13.68
C CYS A 245 -28.83 -17.77 14.71
N GLY A 246 -30.08 -17.66 14.23
CA GLY A 246 -31.22 -17.39 15.09
C GLY A 246 -31.50 -15.89 15.18
N SER A 247 -32.20 -15.49 16.25
CA SER A 247 -32.49 -14.09 16.49
C SER A 247 -31.20 -13.35 16.84
N ILE A 248 -31.19 -12.05 16.55
CA ILE A 248 -30.00 -11.23 16.73
C ILE A 248 -30.04 -10.65 18.15
N THR A 249 -29.36 -11.35 19.07
CA THR A 249 -29.57 -11.20 20.49
C THR A 249 -28.32 -10.60 21.15
N PRO A 250 -28.45 -9.77 22.21
CA PRO A 250 -27.34 -9.49 23.12
C PRO A 250 -26.83 -10.76 23.81
N GLU A 251 -27.60 -11.85 23.72
CA GLU A 251 -27.19 -13.17 24.15
C GLU A 251 -26.05 -13.66 23.27
N VAL A 252 -26.35 -13.84 21.97
CA VAL A 252 -25.42 -14.44 21.04
C VAL A 252 -24.33 -13.42 20.70
N TRP A 253 -24.74 -12.18 20.39
CA TRP A 253 -23.80 -11.09 20.12
C TRP A 253 -23.92 -10.02 21.20
N PRO A 254 -23.18 -10.15 22.34
CA PRO A 254 -23.13 -9.10 23.37
C PRO A 254 -23.06 -7.67 22.82
N ASN A 255 -23.97 -6.83 23.31
CA ASN A 255 -24.14 -5.46 22.86
C ASN A 255 -24.39 -5.44 21.35
N VAL A 256 -25.38 -6.23 20.90
CA VAL A 256 -25.88 -6.11 19.55
C VAL A 256 -26.82 -4.91 19.47
N ASP A 257 -27.31 -4.46 20.63
CA ASP A 257 -28.29 -3.38 20.71
C ASP A 257 -27.59 -2.07 21.04
N ASN A 258 -26.40 -1.85 20.44
CA ASN A 258 -25.80 -0.53 20.36
C ASN A 258 -25.93 -0.02 18.93
N TYR A 259 -26.64 -0.78 18.09
CA TYR A 259 -26.93 -0.41 16.71
C TYR A 259 -28.10 -1.27 16.22
N GLU A 260 -29.12 -0.60 15.65
CA GLU A 260 -30.31 -1.27 15.14
C GLU A 260 -31.06 -1.97 16.28
N LEU A 265 -34.76 -2.10 14.38
CA LEU A 265 -35.86 -3.06 14.65
C LEU A 265 -35.89 -4.12 13.55
N GLU A 266 -36.14 -3.68 12.31
CA GLU A 266 -35.94 -4.49 11.11
C GLU A 266 -36.88 -5.70 11.17
N LEU A 267 -36.35 -6.92 11.06
CA LEU A 267 -37.21 -8.11 11.01
C LEU A 267 -36.46 -9.36 11.47
N VAL A 268 -37.22 -10.47 11.50
CA VAL A 268 -36.75 -11.83 11.77
C VAL A 268 -35.82 -11.88 12.97
N LYS A 269 -36.33 -11.43 14.13
CA LYS A 269 -35.62 -11.55 15.39
C LYS A 269 -36.40 -12.50 16.31
N GLY A 270 -36.85 -13.63 15.74
CA GLY A 270 -37.55 -14.65 16.50
C GLY A 270 -37.38 -16.03 15.85
N GLN A 271 -36.12 -16.38 15.57
CA GLN A 271 -35.77 -17.58 14.81
C GLN A 271 -35.09 -18.57 15.76
N LYS A 272 -34.64 -19.70 15.21
CA LYS A 272 -33.80 -20.65 15.94
C LYS A 272 -32.71 -21.16 15.00
N ARG A 273 -31.61 -21.64 15.60
CA ARG A 273 -30.37 -21.92 14.88
C ARG A 273 -30.49 -23.21 14.07
N LYS A 274 -29.73 -23.31 12.97
CA LYS A 274 -29.56 -24.54 12.22
C LYS A 274 -28.41 -24.40 11.22
N VAL A 275 -27.18 -24.30 11.73
CA VAL A 275 -26.00 -24.11 10.90
C VAL A 275 -25.67 -25.44 10.21
N LYS A 276 -25.23 -26.41 11.02
CA LYS A 276 -24.67 -27.66 10.54
C LYS A 276 -25.76 -28.51 9.87
N ASP A 277 -26.91 -28.59 10.53
CA ASP A 277 -27.93 -29.58 10.22
C ASP A 277 -28.47 -29.37 8.80
N ARG A 278 -28.49 -28.11 8.34
CA ARG A 278 -29.06 -27.78 7.04
C ARG A 278 -28.15 -28.26 5.92
N LEU A 279 -26.84 -28.08 6.09
CA LEU A 279 -25.85 -28.39 5.06
C LEU A 279 -25.14 -29.70 5.40
N ALA A 280 -25.62 -30.42 6.42
CA ALA A 280 -24.98 -31.63 6.93
C ALA A 280 -24.98 -32.73 5.87
N ALA A 281 -26.08 -32.82 5.10
CA ALA A 281 -26.25 -33.86 4.10
C ALA A 281 -25.22 -33.75 2.99
N TYR A 282 -24.58 -32.58 2.85
CA TYR A 282 -23.66 -32.31 1.75
C TYR A 282 -22.20 -32.30 2.20
N VAL A 283 -21.95 -32.20 3.50
CA VAL A 283 -20.60 -32.27 4.02
C VAL A 283 -20.26 -33.73 4.31
N ARG A 284 -21.00 -34.35 5.24
CA ARG A 284 -20.79 -35.71 5.70
C ARG A 284 -19.71 -35.75 6.78
N ASP A 285 -18.65 -34.95 6.59
CA ASP A 285 -17.50 -34.92 7.48
C ASP A 285 -17.89 -34.24 8.80
N PRO A 286 -17.69 -34.90 9.96
CA PRO A 286 -17.94 -34.26 11.27
C PRO A 286 -17.03 -33.04 11.54
N TYR A 287 -15.74 -33.19 11.21
CA TYR A 287 -14.72 -32.20 11.54
C TYR A 287 -14.97 -30.89 10.78
N ALA A 288 -15.42 -31.02 9.53
CA ALA A 288 -15.61 -29.89 8.62
C ALA A 288 -16.82 -29.07 9.05
N LEU A 289 -17.95 -29.76 9.27
CA LEU A 289 -19.17 -29.13 9.73
C LEU A 289 -18.85 -28.12 10.83
N ASP A 290 -18.03 -28.54 11.80
CA ASP A 290 -17.65 -27.71 12.93
C ASP A 290 -16.88 -26.48 12.47
N LEU A 291 -15.90 -26.70 11.56
CA LEU A 291 -15.03 -25.62 11.09
C LEU A 291 -15.86 -24.53 10.41
N ILE A 292 -16.90 -24.94 9.67
CA ILE A 292 -17.80 -24.03 8.99
C ILE A 292 -18.51 -23.16 10.04
N ASP A 293 -18.98 -23.82 11.11
CA ASP A 293 -19.84 -23.21 12.10
C ASP A 293 -19.04 -22.24 12.99
N LYS A 294 -17.72 -22.43 13.07
CA LYS A 294 -16.84 -21.57 13.86
C LYS A 294 -16.49 -20.30 13.09
N LEU A 295 -16.57 -20.36 11.75
CA LEU A 295 -16.42 -19.20 10.89
C LEU A 295 -17.74 -18.45 10.77
N LEU A 296 -18.86 -19.20 10.76
CA LEU A 296 -20.17 -18.64 10.52
C LEU A 296 -20.88 -18.34 11.85
N VAL A 297 -20.36 -17.34 12.58
CA VAL A 297 -20.97 -16.86 13.81
C VAL A 297 -21.32 -15.38 13.62
N LEU A 298 -22.31 -14.89 14.40
CA LEU A 298 -22.74 -13.51 14.33
C LEU A 298 -21.65 -12.60 14.90
N ASP A 299 -21.29 -12.87 16.16
CA ASP A 299 -20.31 -12.05 16.86
C ASP A 299 -18.96 -12.21 16.15
N PRO A 300 -18.31 -11.13 15.69
CA PRO A 300 -16.95 -11.20 15.15
C PRO A 300 -15.88 -11.53 16.20
N ALA A 301 -16.16 -11.17 17.45
CA ALA A 301 -15.30 -11.51 18.58
C ALA A 301 -15.39 -13.01 18.88
N GLN A 302 -16.51 -13.65 18.47
CA GLN A 302 -16.69 -15.09 18.60
C GLN A 302 -16.67 -15.75 17.22
N ARG A 303 -15.96 -15.14 16.26
CA ARG A 303 -15.82 -15.70 14.93
C ARG A 303 -14.36 -16.08 14.72
N ILE A 304 -14.14 -17.40 14.58
CA ILE A 304 -12.81 -17.99 14.63
C ILE A 304 -11.86 -17.21 13.72
N ASP A 305 -10.66 -16.91 14.25
CA ASP A 305 -9.62 -16.26 13.46
C ASP A 305 -8.94 -17.31 12.60
N SER A 306 -8.03 -16.87 11.71
CA SER A 306 -7.36 -17.77 10.77
C SER A 306 -6.52 -18.80 11.52
N GLU A 307 -5.64 -18.32 12.40
CA GLU A 307 -4.74 -19.18 13.15
C GLU A 307 -5.51 -20.30 13.83
N ASP A 308 -6.55 -19.94 14.59
CA ASP A 308 -7.40 -20.89 15.29
C ASP A 308 -7.86 -21.99 14.34
N ALA A 309 -8.23 -21.59 13.11
CA ALA A 309 -8.69 -22.52 12.10
C ALA A 309 -7.52 -23.37 11.60
N LEU A 310 -6.40 -22.72 11.28
CA LEU A 310 -5.23 -23.40 10.74
C LEU A 310 -4.74 -24.49 11.68
N GLU A 311 -4.83 -24.24 12.99
CA GLU A 311 -4.39 -25.16 14.03
C GLU A 311 -5.53 -26.09 14.46
N HIS A 312 -6.75 -25.82 13.98
CA HIS A 312 -7.89 -26.67 14.25
C HIS A 312 -7.59 -28.09 13.76
N ASP A 313 -8.31 -29.08 14.32
CA ASP A 313 -8.11 -30.48 13.98
C ASP A 313 -9.14 -30.93 12.94
N PHE A 314 -9.37 -30.09 11.92
CA PHE A 314 -9.84 -30.53 10.63
C PHE A 314 -8.66 -30.59 9.66
N PHE A 315 -7.62 -29.79 9.97
CA PHE A 315 -6.40 -29.72 9.17
C PHE A 315 -5.44 -30.82 9.58
N TRP A 316 -5.60 -31.33 10.82
CA TRP A 316 -4.77 -32.39 11.37
C TRP A 316 -5.62 -33.64 11.62
N SER A 317 -6.31 -34.11 10.57
CA SER A 317 -7.15 -35.30 10.66
C SER A 317 -7.22 -35.97 9.29
N ASP A 318 -7.55 -37.27 9.29
CA ASP A 318 -7.39 -38.13 8.12
C ASP A 318 -8.72 -38.24 7.37
N PRO A 319 -8.75 -38.20 6.01
CA PRO A 319 -7.56 -38.05 5.18
C PRO A 319 -7.03 -36.61 5.18
N MET A 320 -5.70 -36.49 5.21
CA MET A 320 -5.03 -35.20 5.40
C MET A 320 -5.06 -34.40 4.09
N PRO A 321 -4.74 -33.09 4.10
CA PRO A 321 -4.67 -32.28 2.89
C PRO A 321 -3.73 -32.84 1.81
N SER A 322 -4.17 -32.79 0.54
CA SER A 322 -3.39 -33.26 -0.59
C SER A 322 -3.28 -32.16 -1.63
N ASP A 323 -2.27 -32.29 -2.51
CA ASP A 323 -2.00 -31.29 -3.53
C ASP A 323 -3.07 -31.37 -4.62
N LEU A 324 -3.29 -30.24 -5.29
CA LEU A 324 -4.36 -30.11 -6.28
C LEU A 324 -3.94 -30.77 -7.58
N LYS A 325 -4.91 -31.44 -8.22
CA LYS A 325 -4.73 -32.09 -9.51
C LYS A 325 -6.12 -32.39 -10.09
N GLY A 326 -7.00 -31.37 -10.07
CA GLY A 326 -8.38 -31.52 -10.49
C GLY A 326 -8.51 -32.12 -11.89
N MET A 327 -7.69 -31.59 -12.82
CA MET A 327 -7.61 -32.08 -14.19
C MET A 327 -8.98 -31.94 -14.87
N ASN B 8 15.36 -5.09 -6.17
CA ASN B 8 16.64 -4.83 -5.46
C ASN B 8 16.40 -3.81 -4.34
N ASN B 9 17.43 -3.64 -3.49
CA ASN B 9 17.44 -2.62 -2.46
C ASN B 9 18.62 -1.68 -2.68
N LYS B 10 19.13 -1.65 -3.93
CA LYS B 10 20.25 -0.79 -4.25
C LYS B 10 20.07 -0.20 -5.65
N ARG B 11 18.81 -0.04 -6.06
CA ARG B 11 18.52 0.56 -7.36
C ARG B 11 18.51 2.07 -7.22
N TRP B 12 17.82 2.58 -6.19
CA TRP B 12 17.72 4.02 -5.92
C TRP B 12 18.88 4.48 -5.04
N TYR B 13 20.02 3.79 -5.10
CA TYR B 13 21.21 4.17 -4.35
C TYR B 13 22.39 4.22 -5.31
N PHE B 14 23.35 5.11 -4.99
CA PHE B 14 24.36 5.58 -5.93
C PHE B 14 25.67 5.95 -5.22
N THR B 15 26.77 5.84 -5.99
CA THR B 15 28.07 6.33 -5.54
C THR B 15 28.18 7.82 -5.84
N ARG B 16 29.27 8.43 -5.37
CA ARG B 16 29.50 9.86 -5.54
C ARG B 16 29.73 10.20 -7.02
N GLU B 17 30.35 9.27 -7.76
CA GLU B 17 30.62 9.50 -9.16
C GLU B 17 29.35 9.24 -9.98
N GLN B 18 28.46 8.39 -9.45
CA GLN B 18 27.16 8.18 -10.06
C GLN B 18 26.36 9.48 -10.01
N LEU B 19 26.43 10.19 -8.87
CA LEU B 19 25.79 11.49 -8.73
C LEU B 19 26.46 12.51 -9.64
N GLU B 20 27.79 12.42 -9.75
CA GLU B 20 28.57 13.30 -10.61
C GLU B 20 28.02 13.25 -12.03
N ASN B 21 27.72 12.05 -12.51
CA ASN B 21 27.23 11.83 -13.87
C ASN B 21 25.72 11.65 -13.82
N SER B 22 25.01 12.69 -13.37
CA SER B 22 23.55 12.70 -13.36
C SER B 22 23.07 13.28 -14.70
N PRO B 23 21.77 13.15 -15.03
CA PRO B 23 21.25 13.65 -16.30
C PRO B 23 21.40 15.17 -16.45
N SER B 24 21.42 15.87 -15.31
CA SER B 24 21.59 17.31 -15.26
C SER B 24 22.97 17.71 -15.77
N ARG B 25 23.96 16.84 -15.55
CA ARG B 25 25.34 17.12 -15.97
C ARG B 25 25.40 17.20 -17.49
N ALA B 26 24.90 16.15 -18.17
CA ALA B 26 25.10 15.96 -19.60
C ALA B 26 24.24 16.93 -20.42
N PHE B 27 23.39 17.72 -19.76
CA PHE B 27 22.67 18.80 -20.42
C PHE B 27 23.29 20.15 -20.05
N GLY B 28 24.54 20.13 -19.57
CA GLY B 28 25.29 21.35 -19.30
C GLY B 28 24.79 22.08 -18.05
N VAL B 29 24.86 21.41 -16.89
CA VAL B 29 24.57 22.01 -15.60
C VAL B 29 25.59 21.47 -14.60
N ASP B 30 26.16 22.37 -13.77
CA ASP B 30 27.30 22.05 -12.93
C ASP B 30 26.91 21.06 -11.84
N PRO B 31 27.89 20.49 -11.10
CA PRO B 31 27.58 19.62 -9.97
C PRO B 31 26.94 20.39 -8.81
N ASP B 32 27.52 21.57 -8.52
CA ASP B 32 27.07 22.39 -7.39
C ASP B 32 25.76 23.08 -7.75
N LYS B 33 25.62 23.48 -9.02
CA LYS B 33 24.43 24.17 -9.52
C LYS B 33 23.22 23.24 -9.41
N GLU B 34 23.44 21.95 -9.65
CA GLU B 34 22.39 20.94 -9.57
C GLU B 34 21.87 20.85 -8.13
N LEU B 35 22.79 20.80 -7.16
CA LEU B 35 22.42 20.74 -5.75
C LEU B 35 21.51 21.92 -5.42
N SER B 36 21.83 23.10 -5.96
CA SER B 36 21.02 24.29 -5.75
C SER B 36 19.68 24.15 -6.44
N TYR B 37 19.67 23.53 -7.63
CA TYR B 37 18.42 23.22 -8.28
C TYR B 37 17.59 22.29 -7.39
N ARG B 38 18.25 21.34 -6.71
CA ARG B 38 17.59 20.41 -5.81
C ARG B 38 17.12 21.13 -4.55
N GLN B 39 18.07 21.73 -3.83
CA GLN B 39 17.78 22.43 -2.59
C GLN B 39 16.55 23.33 -2.76
N GLN B 40 16.39 23.90 -3.96
CA GLN B 40 15.33 24.85 -4.24
C GLN B 40 13.98 24.14 -4.36
N ALA B 41 13.99 22.91 -4.89
CA ALA B 41 12.75 22.15 -5.06
C ALA B 41 12.15 21.79 -3.71
N ALA B 42 13.01 21.55 -2.71
CA ALA B 42 12.57 21.24 -1.35
C ALA B 42 11.86 22.44 -0.74
N ASN B 43 12.52 23.60 -0.73
CA ASN B 43 11.96 24.82 -0.15
C ASN B 43 10.55 25.08 -0.70
N LEU B 44 10.38 24.87 -2.01
CA LEU B 44 9.06 25.02 -2.63
C LEU B 44 8.11 23.95 -2.11
N LEU B 45 8.56 22.70 -2.14
CA LEU B 45 7.78 21.58 -1.61
C LEU B 45 7.37 21.84 -0.16
N GLN B 46 8.30 22.39 0.62
CA GLN B 46 8.06 22.68 2.02
C GLN B 46 7.02 23.79 2.14
N ASP B 47 7.28 24.95 1.50
CA ASP B 47 6.40 26.09 1.61
C ASP B 47 5.02 25.74 1.09
N MET B 48 4.97 25.13 -0.11
CA MET B 48 3.71 24.69 -0.69
C MET B 48 2.99 23.81 0.33
N GLY B 49 3.75 22.85 0.89
CA GLY B 49 3.20 21.85 1.79
C GLY B 49 2.56 22.48 3.03
N GLN B 50 3.14 23.60 3.49
CA GLN B 50 2.67 24.28 4.68
C GLN B 50 1.31 24.94 4.40
N ARG B 51 1.14 25.42 3.17
CA ARG B 51 -0.06 26.17 2.79
C ARG B 51 -1.21 25.21 2.56
N LEU B 52 -0.89 23.90 2.45
CA LEU B 52 -1.87 22.87 2.17
C LEU B 52 -2.22 22.12 3.45
N ASN B 53 -1.41 22.28 4.50
CA ASN B 53 -1.64 21.68 5.80
C ASN B 53 -1.48 20.16 5.69
N VAL B 54 -0.52 19.73 4.85
CA VAL B 54 -0.14 18.33 4.74
C VAL B 54 1.00 18.08 5.73
N SER B 55 1.26 16.79 6.01
CA SER B 55 2.23 16.41 7.02
C SER B 55 3.63 16.79 6.55
N GLN B 56 4.59 16.76 7.50
CA GLN B 56 6.00 16.87 7.18
C GLN B 56 6.43 15.63 6.41
N LEU B 57 5.87 14.48 6.80
CA LEU B 57 6.12 13.22 6.12
C LEU B 57 5.82 13.37 4.63
N THR B 58 4.60 13.82 4.33
CA THR B 58 4.16 14.03 2.96
C THR B 58 5.15 14.90 2.21
N ILE B 59 5.64 15.94 2.89
CA ILE B 59 6.56 16.89 2.31
C ILE B 59 7.90 16.20 2.07
N ASN B 60 8.33 15.37 3.03
CA ASN B 60 9.60 14.67 2.91
C ASN B 60 9.50 13.63 1.80
N THR B 61 8.38 12.90 1.77
CA THR B 61 8.14 11.91 0.75
C THR B 61 8.14 12.58 -0.62
N ALA B 62 7.60 13.81 -0.69
CA ALA B 62 7.58 14.57 -1.92
C ALA B 62 9.00 14.95 -2.35
N ILE B 63 9.87 15.22 -1.36
CA ILE B 63 11.25 15.59 -1.63
C ILE B 63 12.04 14.38 -2.12
N VAL B 64 11.72 13.19 -1.60
CA VAL B 64 12.42 11.97 -1.99
C VAL B 64 12.11 11.63 -3.46
N TYR B 65 10.84 11.75 -3.86
CA TYR B 65 10.45 11.49 -5.24
C TYR B 65 11.29 12.34 -6.19
N MET B 66 11.43 13.63 -5.88
CA MET B 66 12.13 14.58 -6.73
C MET B 66 13.63 14.29 -6.71
N HIS B 67 14.16 13.88 -5.55
CA HIS B 67 15.56 13.51 -5.40
C HIS B 67 15.90 12.30 -6.27
N ARG B 68 14.98 11.34 -6.35
CA ARG B 68 15.13 10.19 -7.21
C ARG B 68 14.85 10.59 -8.67
N PHE B 69 13.85 11.46 -8.87
CA PHE B 69 13.38 11.85 -10.19
C PHE B 69 14.50 12.45 -11.02
N TYR B 70 15.24 13.40 -10.44
CA TYR B 70 16.32 14.06 -11.16
C TYR B 70 17.61 13.23 -11.11
N MET B 71 17.47 11.91 -10.88
CA MET B 71 18.54 10.98 -11.19
C MET B 71 18.28 10.36 -12.57
N ILE B 72 17.05 10.54 -13.08
CA ILE B 72 16.68 9.99 -14.37
C ILE B 72 16.50 11.15 -15.36
N GLN B 73 15.76 12.18 -14.97
CA GLN B 73 15.49 13.32 -15.84
C GLN B 73 16.47 14.45 -15.55
N SER B 74 16.42 15.50 -16.38
CA SER B 74 17.28 16.67 -16.23
C SER B 74 16.44 17.91 -15.94
N PHE B 75 16.99 18.81 -15.11
CA PHE B 75 16.31 20.03 -14.72
C PHE B 75 16.18 21.00 -15.89
N THR B 76 17.06 20.85 -16.90
CA THR B 76 16.94 21.58 -18.15
C THR B 76 15.72 21.08 -18.92
N ARG B 77 15.42 19.78 -18.75
CA ARG B 77 14.32 19.13 -19.44
C ARG B 77 13.02 19.41 -18.70
N PHE B 78 13.00 19.14 -17.38
CA PHE B 78 11.85 19.41 -16.52
C PHE B 78 12.25 20.42 -15.44
N PRO B 79 11.55 21.58 -15.31
CA PRO B 79 11.87 22.53 -14.24
C PRO B 79 11.56 22.00 -12.85
N GLY B 80 12.30 22.52 -11.85
CA GLY B 80 12.01 22.22 -10.45
C GLY B 80 10.58 22.58 -10.10
N ASN B 81 10.11 23.74 -10.60
CA ASN B 81 8.82 24.29 -10.23
C ASN B 81 7.67 23.51 -10.86
N SER B 82 7.90 22.89 -12.02
CA SER B 82 6.85 22.17 -12.71
C SER B 82 6.69 20.78 -12.11
N VAL B 83 7.79 20.23 -11.57
CA VAL B 83 7.80 18.86 -11.06
C VAL B 83 7.27 18.83 -9.62
N ALA B 84 7.65 19.84 -8.84
CA ALA B 84 7.43 19.82 -7.39
C ALA B 84 5.95 19.72 -7.06
N PRO B 85 5.07 20.58 -7.63
CA PRO B 85 3.63 20.51 -7.35
C PRO B 85 3.02 19.16 -7.70
N ALA B 86 3.65 18.46 -8.65
CA ALA B 86 3.23 17.11 -9.01
C ALA B 86 3.67 16.13 -7.93
N ALA B 87 4.93 16.29 -7.49
CA ALA B 87 5.53 15.41 -6.50
C ALA B 87 4.77 15.50 -5.18
N LEU B 88 4.26 16.70 -4.86
CA LEU B 88 3.37 16.88 -3.71
C LEU B 88 2.05 16.16 -3.97
N PHE B 89 1.32 16.63 -4.99
CA PHE B 89 -0.02 16.15 -5.31
C PHE B 89 -0.09 14.63 -5.21
N LEU B 90 0.96 13.98 -5.73
CA LEU B 90 1.15 12.55 -5.67
C LEU B 90 1.41 12.11 -4.22
N ALA B 91 2.44 12.69 -3.59
CA ALA B 91 2.86 12.31 -2.26
C ALA B 91 1.69 12.44 -1.27
N ALA B 92 0.93 13.53 -1.40
CA ALA B 92 -0.32 13.69 -0.67
C ALA B 92 -1.16 12.42 -0.78
N LYS B 93 -1.49 12.04 -2.02
CA LYS B 93 -2.35 10.89 -2.27
C LYS B 93 -1.69 9.61 -1.75
N VAL B 94 -0.37 9.51 -1.92
CA VAL B 94 0.37 8.34 -1.50
C VAL B 94 0.26 8.19 0.01
N GLU B 95 0.54 9.28 0.75
CA GLU B 95 0.63 9.22 2.20
C GLU B 95 -0.75 9.44 2.83
N GLY B 96 -1.80 9.51 2.00
CA GLY B 96 -3.17 9.48 2.47
C GLY B 96 -3.60 10.80 3.09
N GLN B 97 -3.24 11.90 2.43
CA GLN B 97 -3.79 13.21 2.73
C GLN B 97 -4.23 13.87 1.43
N PRO B 98 -5.02 13.17 0.58
CA PRO B 98 -5.26 13.63 -0.79
C PRO B 98 -5.67 15.09 -0.81
N LYS B 99 -5.04 15.88 -1.68
CA LYS B 99 -5.43 17.26 -1.87
C LYS B 99 -6.11 17.42 -3.22
N LYS B 100 -7.14 18.27 -3.25
CA LYS B 100 -7.79 18.62 -4.49
C LYS B 100 -6.76 19.24 -5.42
N LEU B 101 -6.92 18.99 -6.72
CA LEU B 101 -5.98 19.43 -7.72
C LEU B 101 -6.07 20.95 -7.85
N GLU B 102 -7.28 21.46 -7.73
CA GLU B 102 -7.53 22.90 -7.65
C GLU B 102 -6.68 23.49 -6.54
N HIS B 103 -6.71 22.81 -5.38
CA HIS B 103 -6.07 23.29 -4.15
C HIS B 103 -4.56 23.43 -4.36
N VAL B 104 -3.93 22.41 -4.95
CA VAL B 104 -2.48 22.42 -5.10
C VAL B 104 -2.07 23.51 -6.08
N ILE B 105 -2.97 23.87 -6.99
CA ILE B 105 -2.69 24.84 -8.04
C ILE B 105 -2.76 26.25 -7.46
N ARG B 106 -3.83 26.55 -6.69
CA ARG B 106 -3.90 27.80 -5.96
C ARG B 106 -2.53 28.10 -5.36
N VAL B 107 -2.08 27.19 -4.50
CA VAL B 107 -0.89 27.38 -3.67
C VAL B 107 0.31 27.56 -4.58
N ALA B 108 0.55 26.57 -5.44
CA ALA B 108 1.65 26.61 -6.39
C ALA B 108 1.72 28.00 -7.01
N HIS B 109 0.57 28.52 -7.44
CA HIS B 109 0.51 29.78 -8.15
C HIS B 109 0.99 30.93 -7.25
N THR B 110 0.40 31.07 -6.06
CA THR B 110 0.65 32.21 -5.19
C THR B 110 2.06 32.17 -4.62
N CYS B 111 2.64 30.98 -4.56
CA CYS B 111 4.04 30.82 -4.18
C CYS B 111 4.91 31.41 -5.29
N LEU B 112 4.77 30.86 -6.51
CA LEU B 112 5.67 31.15 -7.60
C LEU B 112 5.40 32.56 -8.14
N HIS B 113 4.12 32.93 -8.21
CA HIS B 113 3.71 34.19 -8.80
C HIS B 113 2.91 34.99 -7.78
N PRO B 114 3.57 35.70 -6.83
CA PRO B 114 2.88 36.26 -5.67
C PRO B 114 2.00 37.46 -6.02
N GLN B 115 2.52 38.34 -6.88
CA GLN B 115 1.80 39.54 -7.29
C GLN B 115 0.63 39.13 -8.18
N GLU B 116 0.93 38.37 -9.24
CA GLU B 116 -0.08 37.89 -10.18
C GLU B 116 -1.17 37.14 -9.41
N SER B 117 -2.38 37.70 -9.43
CA SER B 117 -3.55 36.96 -9.01
C SER B 117 -3.80 35.85 -10.03
N LEU B 118 -4.43 34.75 -9.59
CA LEU B 118 -4.57 33.54 -10.39
C LEU B 118 -5.42 33.84 -11.64
N PRO B 119 -5.11 33.22 -12.81
CA PRO B 119 -5.98 33.33 -13.99
C PRO B 119 -7.38 32.79 -13.75
N ASP B 120 -8.27 33.03 -14.71
CA ASP B 120 -9.63 32.52 -14.63
C ASP B 120 -9.55 30.99 -14.68
N THR B 121 -10.50 30.33 -13.99
CA THR B 121 -10.56 28.87 -13.96
C THR B 121 -11.20 28.34 -15.24
N ARG B 122 -11.72 29.25 -16.07
CA ARG B 122 -12.31 28.92 -17.35
C ARG B 122 -11.28 29.07 -18.47
N SER B 123 -10.45 30.11 -18.39
CA SER B 123 -9.45 30.42 -19.40
C SER B 123 -8.62 29.18 -19.72
N GLU B 124 -8.18 29.07 -20.98
CA GLU B 124 -7.36 27.96 -21.43
C GLU B 124 -6.02 27.96 -20.69
N ALA B 125 -5.58 29.15 -20.25
CA ALA B 125 -4.38 29.30 -19.45
C ALA B 125 -4.41 28.33 -18.27
N TYR B 126 -5.41 28.50 -17.38
CA TYR B 126 -5.55 27.67 -16.20
C TYR B 126 -5.69 26.20 -16.60
N LEU B 127 -6.70 25.92 -17.45
CA LEU B 127 -7.05 24.57 -17.81
C LEU B 127 -5.82 23.81 -18.33
N GLN B 128 -4.81 24.54 -18.82
CA GLN B 128 -3.57 23.92 -19.26
C GLN B 128 -2.66 23.70 -18.05
N GLN B 129 -2.50 24.72 -17.20
CA GLN B 129 -1.66 24.56 -16.02
C GLN B 129 -2.33 23.56 -15.07
N VAL B 130 -3.59 23.20 -15.34
CA VAL B 130 -4.21 22.03 -14.76
C VAL B 130 -3.53 20.78 -15.34
N GLN B 131 -3.56 20.68 -16.67
CA GLN B 131 -3.10 19.48 -17.36
C GLN B 131 -1.63 19.22 -17.04
N ASP B 132 -0.78 20.23 -17.24
CA ASP B 132 0.65 20.09 -17.05
C ASP B 132 0.93 19.29 -15.78
N LEU B 133 0.17 19.57 -14.72
CA LEU B 133 0.32 18.92 -13.42
C LEU B 133 -0.07 17.44 -13.55
N VAL B 134 -1.25 17.18 -14.10
CA VAL B 134 -1.73 15.82 -14.29
C VAL B 134 -0.69 15.05 -15.10
N ILE B 135 -0.13 15.72 -16.12
CA ILE B 135 0.92 15.17 -16.96
C ILE B 135 2.05 14.65 -16.09
N LEU B 136 2.66 15.56 -15.32
CA LEU B 136 3.89 15.26 -14.61
C LEU B 136 3.65 14.23 -13.50
N GLU B 137 2.44 14.17 -12.97
CA GLU B 137 2.11 13.12 -12.00
C GLU B 137 2.33 11.76 -12.64
N SER B 138 1.72 11.59 -13.82
CA SER B 138 1.85 10.37 -14.61
C SER B 138 3.32 10.08 -14.90
N ILE B 139 4.10 11.13 -15.19
CA ILE B 139 5.50 10.99 -15.59
C ILE B 139 6.36 10.50 -14.43
N ILE B 140 6.09 11.01 -13.22
CA ILE B 140 6.91 10.70 -12.05
C ILE B 140 6.60 9.28 -11.57
N LEU B 141 5.36 8.82 -11.81
CA LEU B 141 4.99 7.44 -11.54
C LEU B 141 5.84 6.51 -12.41
N GLN B 142 5.94 6.88 -13.70
CA GLN B 142 6.69 6.13 -14.68
C GLN B 142 8.19 6.18 -14.36
N THR B 143 8.66 7.36 -13.96
CA THR B 143 10.09 7.54 -13.68
C THR B 143 10.49 6.66 -12.50
N LEU B 144 9.65 6.63 -11.46
CA LEU B 144 9.96 5.89 -10.24
C LEU B 144 9.59 4.41 -10.41
N GLY B 145 8.83 4.10 -11.46
CA GLY B 145 8.25 2.78 -11.60
C GLY B 145 7.32 2.49 -10.43
N PHE B 146 6.41 3.43 -10.17
CA PHE B 146 5.37 3.29 -9.17
C PHE B 146 5.94 2.72 -7.87
N GLU B 147 7.18 3.08 -7.55
CA GLU B 147 7.78 2.71 -6.27
C GLU B 147 7.64 3.91 -5.34
N LEU B 148 6.50 3.96 -4.64
CA LEU B 148 6.00 5.19 -4.03
C LEU B 148 6.13 5.15 -2.51
N THR B 149 6.30 3.94 -1.95
CA THR B 149 6.47 3.78 -0.52
C THR B 149 7.88 4.21 -0.13
N ILE B 150 7.99 5.10 0.87
CA ILE B 150 9.28 5.65 1.26
C ILE B 150 9.50 5.40 2.75
N ASP B 151 10.59 4.69 3.09
CA ASP B 151 11.10 4.67 4.45
C ASP B 151 11.89 5.95 4.66
N HIS B 152 11.64 6.64 5.78
CA HIS B 152 12.34 7.88 6.09
C HIS B 152 13.22 7.70 7.32
N PRO B 153 14.32 8.48 7.44
CA PRO B 153 15.26 8.32 8.56
C PRO B 153 14.67 8.67 9.92
N HIS B 154 13.48 9.29 9.91
CA HIS B 154 12.84 9.76 11.13
C HIS B 154 12.38 8.58 11.97
N THR B 155 11.80 7.56 11.31
CA THR B 155 11.22 6.40 11.97
C THR B 155 12.26 5.71 12.85
N HIS B 156 13.50 5.66 12.36
CA HIS B 156 14.59 4.94 13.01
C HIS B 156 15.12 5.77 14.17
N VAL B 157 15.05 7.11 14.03
CA VAL B 157 15.47 8.02 15.08
C VAL B 157 14.50 7.90 16.26
N VAL B 158 13.22 8.20 16.00
CA VAL B 158 12.20 8.32 17.02
C VAL B 158 12.25 7.08 17.94
N LYS B 159 12.44 5.90 17.35
CA LYS B 159 12.62 4.67 18.12
C LYS B 159 13.93 4.74 18.90
N CYS B 160 15.01 5.07 18.19
CA CYS B 160 16.35 4.99 18.75
C CYS B 160 16.55 5.95 19.93
N THR B 161 15.90 7.12 19.87
CA THR B 161 16.05 8.13 20.92
C THR B 161 15.45 7.61 22.23
N GLN B 162 14.24 7.06 22.15
CA GLN B 162 13.59 6.47 23.31
C GLN B 162 14.45 5.34 23.86
N LEU B 163 14.93 4.48 22.96
CA LEU B 163 15.68 3.29 23.30
C LEU B 163 17.07 3.64 23.83
N VAL B 164 17.39 4.95 23.87
CA VAL B 164 18.59 5.42 24.56
C VAL B 164 18.22 6.63 25.43
N ARG B 165 16.99 6.62 25.95
CA ARG B 165 16.44 7.71 26.74
C ARG B 165 17.12 9.04 26.40
N ALA B 166 16.64 9.66 25.32
CA ALA B 166 17.05 11.01 24.93
C ALA B 166 16.06 12.02 25.51
N SER B 167 16.53 13.26 25.68
CA SER B 167 15.72 14.32 26.25
C SER B 167 14.73 14.82 25.20
N LYS B 168 13.83 15.72 25.63
CA LYS B 168 12.94 16.41 24.72
C LYS B 168 13.77 17.18 23.69
N ASP B 169 14.93 17.69 24.14
CA ASP B 169 15.85 18.39 23.26
C ASP B 169 16.44 17.40 22.25
N LEU B 170 17.42 16.60 22.68
CA LEU B 170 18.26 15.86 21.76
C LEU B 170 17.42 15.07 20.74
N ALA B 171 16.25 14.62 21.17
CA ALA B 171 15.37 13.83 20.32
C ALA B 171 14.85 14.67 19.15
N GLN B 172 14.29 15.84 19.47
CA GLN B 172 13.63 16.67 18.46
C GLN B 172 14.67 17.42 17.63
N THR B 173 15.88 17.61 18.17
CA THR B 173 16.99 18.13 17.38
C THR B 173 17.34 17.09 16.32
N SER B 174 17.47 15.83 16.75
CA SER B 174 17.82 14.74 15.86
C SER B 174 16.79 14.62 14.73
N TYR B 175 15.51 14.79 15.07
CA TYR B 175 14.44 14.76 14.09
C TYR B 175 14.65 15.86 13.06
N PHE B 176 15.00 17.07 13.53
CA PHE B 176 15.20 18.23 12.67
C PHE B 176 16.38 18.02 11.71
N MET B 177 17.43 17.38 12.20
CA MET B 177 18.61 17.14 11.38
C MET B 177 18.23 16.28 10.18
N ALA B 178 17.38 15.27 10.42
CA ALA B 178 16.93 14.35 9.39
C ALA B 178 16.06 15.10 8.37
N THR B 179 15.10 15.88 8.86
CA THR B 179 14.25 16.69 7.99
C THR B 179 15.12 17.52 7.06
N ASN B 180 16.26 18.01 7.58
CA ASN B 180 17.17 18.87 6.83
C ASN B 180 18.17 18.06 6.01
N SER B 181 18.30 16.76 6.30
CA SER B 181 19.19 15.89 5.53
C SER B 181 18.52 15.52 4.20
N LEU B 182 17.25 15.92 4.01
CA LEU B 182 16.56 15.74 2.76
C LEU B 182 16.65 17.01 1.93
N HIS B 183 16.47 18.17 2.59
CA HIS B 183 16.47 19.46 1.91
C HIS B 183 17.85 19.81 1.34
N LEU B 184 18.89 19.62 2.16
CA LEU B 184 20.18 20.24 1.90
C LEU B 184 21.18 19.26 1.27
N THR B 185 20.86 17.96 1.20
CA THR B 185 21.83 16.96 0.80
C THR B 185 21.18 15.84 -0.01
N THR B 186 22.04 15.03 -0.64
CA THR B 186 21.64 13.85 -1.38
C THR B 186 21.98 12.60 -0.57
N PHE B 187 21.70 12.66 0.73
CA PHE B 187 21.86 11.52 1.63
C PHE B 187 20.77 10.49 1.36
N SER B 188 19.62 10.97 0.89
CA SER B 188 18.51 10.11 0.49
C SER B 188 18.91 9.15 -0.64
N LEU B 189 19.83 9.59 -1.52
CA LEU B 189 20.19 8.82 -2.70
C LEU B 189 21.43 7.96 -2.45
N GLN B 190 22.23 8.28 -1.42
CA GLN B 190 23.48 7.57 -1.18
C GLN B 190 23.29 6.52 -0.09
N TYR B 191 22.75 6.93 1.06
CA TYR B 191 22.74 6.08 2.23
C TYR B 191 21.30 5.70 2.60
N THR B 192 21.17 4.59 3.33
CA THR B 192 19.88 4.05 3.72
C THR B 192 19.31 4.87 4.89
N PRO B 193 17.99 4.81 5.13
CA PRO B 193 17.37 5.58 6.21
C PRO B 193 18.01 5.35 7.58
N PRO B 194 18.29 4.09 7.99
CA PRO B 194 18.88 3.83 9.31
C PRO B 194 20.26 4.47 9.48
N VAL B 195 21.05 4.47 8.40
CA VAL B 195 22.37 5.07 8.42
C VAL B 195 22.21 6.57 8.63
N VAL B 196 21.32 7.16 7.81
CA VAL B 196 21.03 8.58 7.84
C VAL B 196 20.59 8.99 9.25
N ALA B 197 19.74 8.16 9.87
CA ALA B 197 19.23 8.43 11.21
C ALA B 197 20.39 8.66 12.19
N CYS B 198 21.38 7.77 12.13
CA CYS B 198 22.52 7.81 13.05
C CYS B 198 23.32 9.09 12.86
N VAL B 199 23.59 9.45 11.59
CA VAL B 199 24.30 10.68 11.28
C VAL B 199 23.59 11.85 11.97
N CYS B 200 22.25 11.87 11.85
CA CYS B 200 21.43 12.93 12.39
C CYS B 200 21.52 12.98 13.91
N ILE B 201 21.64 11.82 14.55
CA ILE B 201 21.72 11.76 16.00
C ILE B 201 23.15 12.06 16.44
N HIS B 202 24.14 11.59 15.66
CA HIS B 202 25.54 11.75 16.03
C HIS B 202 25.92 13.23 16.00
N LEU B 203 25.37 13.99 15.05
CA LEU B 203 25.60 15.43 15.00
C LEU B 203 24.81 16.12 16.10
N ALA B 204 23.52 15.78 16.23
CA ALA B 204 22.64 16.36 17.24
C ALA B 204 23.29 16.25 18.62
N CYS B 205 24.02 15.15 18.85
CA CYS B 205 24.70 14.92 20.10
C CYS B 205 25.87 15.88 20.27
N LYS B 206 26.74 15.95 19.25
CA LYS B 206 27.90 16.84 19.29
C LYS B 206 27.45 18.29 19.38
N TRP B 207 26.30 18.60 18.76
CA TRP B 207 25.77 19.96 18.79
C TRP B 207 25.09 20.22 20.13
N SER B 208 24.20 19.30 20.55
CA SER B 208 23.53 19.41 21.84
C SER B 208 24.48 18.94 22.96
N ASN B 209 25.76 18.80 22.62
CA ASN B 209 26.83 18.61 23.60
C ASN B 209 26.42 17.54 24.58
N TRP B 210 26.07 16.37 24.04
CA TRP B 210 25.70 15.22 24.84
C TRP B 210 26.06 13.96 24.06
N GLU B 211 27.28 13.46 24.27
CA GLU B 211 27.69 12.19 23.70
C GLU B 211 27.07 11.09 24.56
N ILE B 212 26.24 10.28 23.90
CA ILE B 212 25.46 9.22 24.50
C ILE B 212 26.39 8.15 25.07
N PRO B 213 26.11 7.62 26.29
CA PRO B 213 26.89 6.51 26.84
C PRO B 213 26.72 5.21 26.06
N VAL B 214 27.84 4.47 25.94
CA VAL B 214 27.85 3.16 25.31
C VAL B 214 27.13 2.18 26.24
N SER B 215 26.55 1.11 25.67
CA SER B 215 25.88 0.08 26.45
C SER B 215 26.93 -0.75 27.20
N THR B 216 26.51 -1.39 28.31
CA THR B 216 27.43 -2.06 29.22
C THR B 216 27.96 -3.36 28.59
N ASP B 217 27.32 -3.84 27.52
CA ASP B 217 27.85 -4.94 26.73
C ASP B 217 29.20 -4.53 26.14
N GLY B 218 29.27 -3.32 25.57
CA GLY B 218 30.45 -2.82 24.91
C GLY B 218 30.15 -2.23 23.53
N LYS B 219 28.97 -2.57 22.98
CA LYS B 219 28.55 -2.05 21.69
C LYS B 219 28.10 -0.60 21.82
N HIS B 220 28.60 0.25 20.91
CA HIS B 220 28.19 1.64 20.82
C HIS B 220 26.72 1.71 20.41
N TRP B 221 26.11 2.90 20.60
CA TRP B 221 24.69 3.09 20.37
C TRP B 221 24.33 2.85 18.91
N TRP B 222 25.24 3.20 18.00
CA TRP B 222 24.94 3.18 16.58
C TRP B 222 24.86 1.74 16.07
N GLU B 223 25.50 0.80 16.79
CA GLU B 223 25.53 -0.60 16.40
C GLU B 223 24.16 -1.24 16.55
N TYR B 224 23.28 -0.64 17.38
CA TYR B 224 21.94 -1.18 17.60
C TYR B 224 20.96 -0.64 16.57
N VAL B 225 21.36 0.39 15.81
CA VAL B 225 20.47 1.05 14.87
C VAL B 225 20.70 0.49 13.46
N ASP B 226 21.98 0.34 13.08
CA ASP B 226 22.37 -0.29 11.83
C ASP B 226 23.83 -0.72 11.97
N ALA B 227 24.10 -2.01 11.69
CA ALA B 227 25.42 -2.58 11.94
C ALA B 227 26.39 -2.24 10.82
N THR B 228 25.88 -1.65 9.73
CA THR B 228 26.72 -1.23 8.60
C THR B 228 27.31 0.15 8.84
N VAL B 229 27.33 0.58 10.11
CA VAL B 229 27.71 1.94 10.48
C VAL B 229 29.00 1.88 11.30
N THR B 230 29.84 2.91 11.14
CA THR B 230 31.07 3.05 11.90
C THR B 230 31.31 4.53 12.19
N LEU B 231 32.20 4.81 13.16
CA LEU B 231 32.47 6.16 13.62
C LEU B 231 33.29 6.92 12.58
N GLU B 232 34.05 6.19 11.73
CA GLU B 232 34.76 6.80 10.62
C GLU B 232 33.73 7.44 9.68
N LEU B 233 32.59 6.76 9.52
CA LEU B 233 31.58 7.15 8.56
C LEU B 233 30.72 8.28 9.13
N LEU B 234 30.36 8.17 10.42
CA LEU B 234 29.54 9.18 11.07
C LEU B 234 30.28 10.52 11.11
N ASP B 235 31.58 10.47 11.43
CA ASP B 235 32.39 11.66 11.54
C ASP B 235 32.74 12.20 10.17
N GLU B 236 32.70 11.34 9.13
CA GLU B 236 32.82 11.80 7.75
C GLU B 236 31.57 12.58 7.37
N LEU B 237 30.39 12.02 7.67
CA LEU B 237 29.11 12.52 7.15
C LEU B 237 28.58 13.69 7.97
N THR B 238 28.60 13.57 9.31
CA THR B 238 28.12 14.64 10.17
C THR B 238 28.79 15.96 9.81
N HIS B 239 30.08 15.91 9.46
CA HIS B 239 30.84 17.09 9.07
C HIS B 239 30.30 17.65 7.76
N GLU B 240 29.99 16.77 6.79
CA GLU B 240 29.44 17.21 5.51
C GLU B 240 28.14 17.97 5.74
N LEU B 241 27.29 17.44 6.64
CA LEU B 241 25.96 17.98 6.86
C LEU B 241 26.05 19.27 7.69
N LEU B 242 26.95 19.29 8.68
CA LEU B 242 27.12 20.48 9.50
C LEU B 242 27.52 21.67 8.62
N GLN B 243 28.47 21.41 7.70
CA GLN B 243 28.98 22.45 6.82
C GLN B 243 27.83 23.08 6.03
N ILE B 244 27.06 22.24 5.33
CA ILE B 244 25.99 22.73 4.48
C ILE B 244 24.92 23.42 5.33
N LEU B 245 24.83 23.07 6.61
CA LEU B 245 23.92 23.77 7.52
C LEU B 245 24.51 25.13 7.89
N GLU B 246 25.82 25.17 8.10
CA GLU B 246 26.53 26.42 8.37
C GLU B 246 26.23 27.42 7.25
N LYS B 247 26.16 26.92 6.01
CA LYS B 247 25.96 27.75 4.83
C LYS B 247 24.50 28.18 4.74
N THR B 248 23.59 27.28 5.13
CA THR B 248 22.15 27.53 5.05
C THR B 248 21.76 28.55 6.12
N PRO B 249 21.19 29.72 5.71
CA PRO B 249 21.15 30.89 6.57
C PRO B 249 20.06 30.82 7.63
N ASN B 250 20.43 31.17 8.88
CA ASN B 250 19.50 31.14 9.99
C ASN B 250 18.80 29.78 9.99
N ARG B 251 19.58 28.73 9.72
CA ARG B 251 19.08 27.38 9.81
C ARG B 251 19.51 26.82 11.16
N LEU B 252 20.81 26.98 11.47
CA LEU B 252 21.35 26.51 12.73
C LEU B 252 20.88 27.37 13.89
N LYS B 253 20.37 28.58 13.59
CA LYS B 253 19.78 29.44 14.60
C LYS B 253 18.51 28.80 15.16
N ARG B 254 17.80 28.06 14.32
CA ARG B 254 16.57 27.39 14.74
C ARG B 254 16.85 26.37 15.84
N ILE B 255 18.09 25.84 15.89
CA ILE B 255 18.41 24.82 16.88
C ILE B 255 19.49 25.31 17.84
N TRP B 256 19.81 26.62 17.79
CA TRP B 256 20.90 27.17 18.58
C TRP B 256 20.38 27.62 19.95
N ASN B 257 21.15 27.32 21.00
CA ASN B 257 20.73 27.59 22.38
C ASN B 257 21.21 28.98 22.80
N TRP B 258 20.24 29.85 23.10
CA TRP B 258 20.50 31.25 23.44
C TRP B 258 20.81 31.41 24.92
N ARG B 259 20.52 30.38 25.73
CA ARG B 259 20.66 30.46 27.18
C ARG B 259 22.16 30.49 27.54
N1 VQE C . -6.22 -13.93 -13.23
N3 VQE C . -7.30 -12.15 -12.01
C4 VQE C . -9.84 -10.63 -12.53
C5 VQE C . -8.97 -9.58 -11.86
C6 VQE C . -8.50 -12.74 -12.40
C7 VQE C . -8.56 -13.90 -13.19
C8 VQE C . -7.39 -14.52 -13.62
C10 VQE C . -4.90 -12.48 -12.27
C13 VQE C . -8.40 -17.09 -16.17
C15 VQE C . -10.21 -17.99 -14.78
C1 VQE C . -12.20 -12.44 -11.26
C2 VQE C . -11.01 -12.87 -12.10
C3 VQE C . -9.74 -12.03 -11.90
N2 VQE C . -4.97 -14.35 -13.53
C9 VQE C . -4.17 -13.47 -12.94
C11 VQE C . -6.21 -12.80 -12.46
N4 VQE C . -7.35 -15.64 -14.39
C12 VQE C . -8.58 -16.29 -14.87
C14 VQE C . -9.63 -18.00 -16.20
N5 VQE C . -11.48 -17.27 -14.68
C16 VQE C . -9.13 -17.34 -13.91
#